data_7SCD
#
_entry.id   7SCD
#
_cell.length_a   55.840
_cell.length_b   58.820
_cell.length_c   153.110
_cell.angle_alpha   90.000
_cell.angle_beta   90.000
_cell.angle_gamma   90.000
#
_symmetry.space_group_name_H-M   'P 21 21 21'
#
loop_
_entity.id
_entity.type
_entity.pdbx_description
1 polymer 'Thioredoxin 1,Heparan sulfate glucosamine 3-O-sulfotransferase 5'
2 branched '2-deoxy-6-O-sulfo-2-(sulfoamino)-alpha-D-glucopyranose-(1-4)-beta-D-glucopyranuronic acid-(1-4)-2-deoxy-6-O-sulfo-2-(sulfoamino)-alpha-D-glucopyranose-(1-4)-beta-D-glucopyranuronic acid-(1-4)-2-deoxy-6-O-sulfo-2-(sulfoamino)-alpha-D-glucopyranose-(1-4)-beta-D-glucopyranuronic acid'
3 non-polymer "ADENOSINE-3'-5'-DIPHOSPHATE"
4 water water
#
_entity_poly.entity_id   1
_entity_poly.type   'polypeptide(L)'
_entity_poly.pdbx_seq_one_letter_code
;MSDKIIHLTDDSFDTDVLKADGAILVDFWAEWCGPCKMIAPILDEIADEYQGKLTVAKLNIDQNPGTAPKYGIRGIPTLL
LFKNGEVAATKVGALSKGQLKEFLDANLAAALVQQLPKAIIIGVRKGGTRALLEMLNLHPAVVKASQEIHFFDNDENYGK
GIEWYRKKMPFSYPQQITIEKSPAYFITEEVPERIYKMNSSIKLLIIVREPTTRAISDYTQVLEGKERKNKTYYKFEKLA
IDPNTCEVNTKYKAVRTSIYTKHLERWLKYFPIEQFHVVDGDRLITEPLPELQLVEKFLNLPPRISQYNLYFNATRGFYC
LRFNEIFNKCLAGSKGRIHPEVDPSVITKLRKFFHPFNQKFYQITGRTLNWP
;
_entity_poly.pdbx_strand_id   A
#
loop_
_chem_comp.id
_chem_comp.type
_chem_comp.name
_chem_comp.formula
A3P RNA linking ADENOSINE-3'-5'-DIPHOSPHATE 'C10 H15 N5 O10 P2'
BDP D-saccharide, beta linking 'beta-D-glucopyranuronic acid' 'C6 H10 O7'
SGN D-saccharide, alpha linking 2-deoxy-6-O-sulfo-2-(sulfoamino)-alpha-D-glucopyranose 'C6 H13 N O11 S2'
#
# COMPACT_ATOMS: atom_id res chain seq x y z
N SER A 2 -2.51 -19.40 -2.81
CA SER A 2 -3.26 -18.91 -1.67
C SER A 2 -2.60 -19.25 -0.33
N ASP A 3 -1.44 -19.90 -0.37
CA ASP A 3 -0.82 -20.39 0.86
C ASP A 3 -0.23 -19.23 1.64
N LYS A 4 -0.41 -19.24 2.96
CA LYS A 4 0.09 -18.16 3.81
C LYS A 4 1.19 -18.64 4.73
N ILE A 5 1.72 -19.84 4.48
CA ILE A 5 2.78 -20.47 5.26
C ILE A 5 4.07 -20.31 4.47
N ILE A 6 5.10 -19.79 5.10
CA ILE A 6 6.39 -19.70 4.42
C ILE A 6 7.06 -21.07 4.47
N HIS A 7 7.47 -21.56 3.32
CA HIS A 7 8.23 -22.80 3.20
C HIS A 7 9.70 -22.42 3.33
N LEU A 8 10.36 -22.95 4.35
CA LEU A 8 11.76 -22.62 4.64
C LEU A 8 12.73 -23.69 4.16
N THR A 9 13.96 -23.24 3.95
CA THR A 9 15.12 -24.09 3.72
C THR A 9 16.26 -23.62 4.63
N ASP A 10 17.31 -24.44 4.71
CA ASP A 10 18.51 -24.02 5.45
C ASP A 10 19.07 -22.73 4.87
N ASP A 11 19.04 -22.59 3.55
CA ASP A 11 19.61 -21.41 2.90
C ASP A 11 18.78 -20.16 3.16
N SER A 12 17.46 -20.31 3.31
CA SER A 12 16.57 -19.17 3.45
C SER A 12 16.22 -18.85 4.90
N PHE A 13 16.64 -19.69 5.86
CA PHE A 13 16.20 -19.53 7.25
C PHE A 13 16.62 -18.17 7.81
N ASP A 14 17.86 -17.76 7.55
CA ASP A 14 18.37 -16.52 8.13
C ASP A 14 17.59 -15.29 7.67
N THR A 15 17.36 -15.15 6.36
CA THR A 15 16.63 -13.99 5.87
C THR A 15 15.18 -14.01 6.32
N ASP A 16 14.53 -15.18 6.24
CA ASP A 16 13.09 -15.26 6.47
C ASP A 16 12.71 -15.28 7.95
N VAL A 17 13.61 -15.67 8.86
CA VAL A 17 13.29 -15.82 10.27
C VAL A 17 14.12 -14.87 11.11
N LEU A 18 15.45 -15.02 11.05
CA LEU A 18 16.31 -14.22 11.91
C LEU A 18 16.30 -12.75 11.55
N LYS A 19 16.07 -12.42 10.27
CA LYS A 19 16.02 -11.04 9.80
C LYS A 19 14.60 -10.52 9.58
N ALA A 20 13.58 -11.30 9.92
CA ALA A 20 12.19 -10.85 9.89
C ALA A 20 11.84 -9.94 11.07
N ASP A 21 10.94 -9.00 10.80
CA ASP A 21 10.36 -8.20 11.86
C ASP A 21 9.23 -8.96 12.53
N GLY A 22 9.13 -8.81 13.84
CA GLY A 22 7.98 -9.31 14.59
C GLY A 22 8.08 -10.80 14.86
N ALA A 23 6.91 -11.43 14.94
CA ALA A 23 6.77 -12.77 15.53
C ALA A 23 6.59 -13.80 14.41
N ILE A 24 7.35 -14.89 14.49
CA ILE A 24 7.24 -15.99 13.54
C ILE A 24 7.26 -17.30 14.30
N LEU A 25 6.29 -18.17 14.00
CA LEU A 25 6.15 -19.50 14.57
C LEU A 25 6.70 -20.50 13.55
N VAL A 26 7.69 -21.29 13.94
CA VAL A 26 8.35 -22.25 13.05
C VAL A 26 7.99 -23.66 13.49
N ASP A 27 7.43 -24.44 12.57
CA ASP A 27 7.09 -25.85 12.77
C ASP A 27 8.17 -26.71 12.13
N PHE A 28 8.88 -27.47 12.96
CA PHE A 28 9.87 -28.43 12.49
C PHE A 28 9.17 -29.78 12.33
N TRP A 29 9.21 -30.34 11.13
CA TRP A 29 8.36 -31.48 10.78
C TRP A 29 9.12 -32.39 9.82
N ALA A 30 8.53 -33.56 9.55
CA ALA A 30 9.05 -34.49 8.56
C ALA A 30 7.91 -35.40 8.10
N GLU A 31 8.11 -36.03 6.95
CA GLU A 31 7.04 -36.85 6.37
C GLU A 31 6.75 -38.10 7.18
N TRP A 32 7.73 -38.60 7.92
CA TRP A 32 7.60 -39.81 8.75
C TRP A 32 6.99 -39.54 10.13
N CYS A 33 6.64 -38.29 10.45
CA CYS A 33 6.18 -37.91 11.78
C CYS A 33 4.66 -37.85 11.79
N GLY A 34 4.04 -38.82 12.46
CA GLY A 34 2.60 -38.90 12.51
C GLY A 34 1.93 -37.71 13.14
N PRO A 35 2.32 -37.32 14.36
CA PRO A 35 1.67 -36.14 14.96
C PRO A 35 1.89 -34.86 14.18
N CYS A 36 3.01 -34.77 13.45
CA CYS A 36 3.24 -33.61 12.59
C CYS A 36 2.13 -33.50 11.56
N LYS A 37 1.72 -34.64 10.99
CA LYS A 37 0.67 -34.67 9.98
C LYS A 37 -0.68 -34.28 10.59
N MET A 38 -0.96 -34.72 11.82
CA MET A 38 -2.24 -34.41 12.44
C MET A 38 -2.35 -32.92 12.75
N ILE A 39 -1.24 -32.29 13.15
CA ILE A 39 -1.25 -30.89 13.54
C ILE A 39 -1.17 -29.94 12.34
N ALA A 40 -0.78 -30.43 11.17
CA ALA A 40 -0.61 -29.59 9.98
C ALA A 40 -1.83 -28.74 9.64
N PRO A 41 -3.05 -29.29 9.59
CA PRO A 41 -4.21 -28.42 9.31
C PRO A 41 -4.48 -27.40 10.40
N ILE A 42 -4.13 -27.69 11.66
CA ILE A 42 -4.35 -26.71 12.72
C ILE A 42 -3.50 -25.46 12.46
N LEU A 43 -2.26 -25.65 12.00
CA LEU A 43 -1.44 -24.48 11.65
C LEU A 43 -2.06 -23.66 10.53
N ASP A 44 -2.74 -24.30 9.57
CA ASP A 44 -3.40 -23.53 8.51
C ASP A 44 -4.47 -22.61 9.10
N GLU A 45 -5.29 -23.13 10.01
CA GLU A 45 -6.30 -22.30 10.67
C GLU A 45 -5.66 -21.15 11.44
N ILE A 46 -4.58 -21.44 12.17
CA ILE A 46 -3.92 -20.43 13.01
C ILE A 46 -3.31 -19.34 12.14
N ALA A 47 -2.77 -19.70 10.97
CA ALA A 47 -2.18 -18.71 10.09
C ALA A 47 -3.21 -17.67 9.62
N ASP A 48 -4.45 -18.08 9.39
CA ASP A 48 -5.49 -17.13 9.03
C ASP A 48 -5.96 -16.31 10.24
N GLU A 49 -6.22 -16.98 11.36
CA GLU A 49 -6.80 -16.31 12.54
C GLU A 49 -5.85 -15.27 13.12
N TYR A 50 -4.54 -15.49 13.02
CA TYR A 50 -3.50 -14.63 13.56
C TYR A 50 -2.85 -13.71 12.52
N GLN A 51 -3.44 -13.53 11.34
CA GLN A 51 -2.85 -12.63 10.37
C GLN A 51 -2.69 -11.23 10.97
N GLY A 52 -1.54 -10.62 10.71
CA GLY A 52 -1.18 -9.34 11.28
C GLY A 52 -0.39 -9.37 12.57
N LYS A 53 -0.44 -10.47 13.34
CA LYS A 53 0.39 -10.63 14.53
C LYS A 53 1.40 -11.75 14.42
N LEU A 54 1.23 -12.67 13.47
CA LEU A 54 2.06 -13.87 13.44
C LEU A 54 2.12 -14.34 12.00
N THR A 55 3.31 -14.74 11.58
CA THR A 55 3.53 -15.49 10.36
C THR A 55 3.87 -16.92 10.76
N VAL A 56 3.46 -17.87 9.93
CA VAL A 56 3.69 -19.29 10.19
C VAL A 56 4.57 -19.83 9.09
N ALA A 57 5.56 -20.64 9.50
CA ALA A 57 6.56 -21.14 8.59
C ALA A 57 6.84 -22.60 8.95
N LYS A 58 7.35 -23.34 7.98
CA LYS A 58 7.71 -24.73 8.18
C LYS A 58 9.11 -24.97 7.61
N LEU A 59 9.84 -25.85 8.28
CA LEU A 59 11.13 -26.35 7.79
C LEU A 59 11.08 -27.87 7.86
N ASN A 60 11.20 -28.51 6.71
CA ASN A 60 11.27 -29.96 6.67
C ASN A 60 12.68 -30.38 7.05
N ILE A 61 12.81 -31.09 8.18
CA ILE A 61 14.15 -31.37 8.69
C ILE A 61 14.87 -32.47 7.92
N ASP A 62 14.13 -33.31 7.20
CA ASP A 62 14.78 -34.33 6.37
C ASP A 62 15.47 -33.69 5.17
N GLN A 63 14.80 -32.73 4.55
CA GLN A 63 15.31 -32.06 3.35
C GLN A 63 16.27 -30.94 3.70
N ASN A 64 16.23 -30.43 4.92
CA ASN A 64 17.03 -29.30 5.36
C ASN A 64 17.54 -29.64 6.75
N PRO A 65 18.54 -30.52 6.86
CA PRO A 65 18.93 -31.07 8.17
C PRO A 65 19.86 -30.20 9.00
N GLY A 66 20.28 -29.04 8.50
CA GLY A 66 21.26 -28.24 9.23
C GLY A 66 20.71 -27.37 10.34
N THR A 67 19.45 -26.94 10.25
CA THR A 67 18.99 -25.91 11.18
C THR A 67 18.60 -26.47 12.55
N ALA A 68 17.86 -27.57 12.59
CA ALA A 68 17.37 -28.07 13.88
C ALA A 68 18.47 -28.35 14.90
N PRO A 69 19.62 -28.95 14.56
CA PRO A 69 20.64 -29.17 15.59
C PRO A 69 21.16 -27.89 16.24
N LYS A 70 21.10 -26.75 15.54
CA LYS A 70 21.54 -25.48 16.10
C LYS A 70 20.62 -24.96 17.21
N TYR A 71 19.43 -25.52 17.34
CA TYR A 71 18.46 -25.18 18.38
C TYR A 71 18.19 -26.33 19.35
N GLY A 72 19.04 -27.36 19.32
CA GLY A 72 18.92 -28.48 20.23
C GLY A 72 17.66 -29.31 20.07
N ILE A 73 17.07 -29.31 18.89
CA ILE A 73 15.79 -29.98 18.70
C ILE A 73 16.09 -31.48 18.60
N ARG A 74 15.47 -32.26 19.47
CA ARG A 74 15.70 -33.70 19.52
C ARG A 74 14.41 -34.48 19.31
N GLY A 75 13.28 -33.81 19.14
CA GLY A 75 12.01 -34.48 18.87
C GLY A 75 11.17 -33.54 18.04
N ILE A 76 10.30 -34.12 17.22
CA ILE A 76 9.34 -33.34 16.43
C ILE A 76 7.93 -33.87 16.67
N PRO A 77 6.88 -33.03 16.43
CA PRO A 77 6.91 -31.61 16.07
C PRO A 77 7.48 -30.74 17.20
N THR A 78 8.23 -29.72 16.80
CA THR A 78 8.67 -28.64 17.66
C THR A 78 8.14 -27.33 17.12
N LEU A 79 7.53 -26.53 17.98
CA LEU A 79 7.17 -25.16 17.62
C LEU A 79 8.12 -24.20 18.35
N LEU A 80 8.84 -23.39 17.57
CA LEU A 80 9.68 -22.31 18.06
C LEU A 80 9.05 -20.98 17.66
N LEU A 81 8.84 -20.10 18.63
CA LEU A 81 8.37 -18.75 18.37
C LEU A 81 9.59 -17.83 18.45
N PHE A 82 9.97 -17.23 17.32
CA PHE A 82 11.05 -16.24 17.28
C PHE A 82 10.49 -14.83 17.29
N LYS A 83 11.18 -13.91 17.95
CA LYS A 83 10.94 -12.48 17.83
C LYS A 83 12.26 -11.75 17.63
N ASN A 84 12.37 -11.01 16.53
CA ASN A 84 13.58 -10.28 16.14
C ASN A 84 14.86 -11.10 16.29
N GLY A 85 14.82 -12.32 15.76
CA GLY A 85 16.04 -13.11 15.65
C GLY A 85 16.45 -13.88 16.88
N GLU A 86 15.63 -13.89 17.92
CA GLU A 86 15.94 -14.59 19.17
C GLU A 86 14.77 -15.49 19.53
N VAL A 87 15.08 -16.68 20.05
CA VAL A 87 14.01 -17.59 20.44
C VAL A 87 13.27 -16.93 21.61
N ALA A 88 11.95 -16.87 21.50
CA ALA A 88 11.08 -16.33 22.55
C ALA A 88 10.35 -17.38 23.37
N ALA A 89 9.99 -18.51 22.79
CA ALA A 89 9.20 -19.52 23.48
C ALA A 89 9.25 -20.80 22.68
N THR A 90 9.02 -21.91 23.37
CA THR A 90 9.01 -23.21 22.71
C THR A 90 7.86 -24.02 23.27
N LYS A 91 7.45 -24.99 22.47
CA LYS A 91 6.46 -25.98 22.84
C LYS A 91 6.95 -27.29 22.28
N VAL A 92 6.87 -28.37 23.05
CA VAL A 92 7.32 -29.67 22.59
C VAL A 92 6.13 -30.61 22.54
N GLY A 93 5.93 -31.26 21.40
CA GLY A 93 4.97 -32.33 21.25
C GLY A 93 3.70 -31.89 20.53
N ALA A 94 2.89 -32.89 20.18
CA ALA A 94 1.56 -32.63 19.65
C ALA A 94 0.77 -31.79 20.66
N LEU A 95 -0.10 -30.91 20.17
CA LEU A 95 -0.99 -30.17 21.05
C LEU A 95 -2.24 -29.78 20.27
N SER A 96 -3.31 -29.53 21.00
CA SER A 96 -4.59 -29.14 20.42
C SER A 96 -4.60 -27.64 20.11
N LYS A 97 -5.63 -27.23 19.37
CA LYS A 97 -5.84 -25.82 19.07
C LYS A 97 -5.89 -24.96 20.32
N GLY A 98 -6.64 -25.40 21.34
CA GLY A 98 -6.72 -24.62 22.56
C GLY A 98 -5.38 -24.43 23.25
N GLN A 99 -4.58 -25.49 23.31
CA GLN A 99 -3.25 -25.35 23.92
C GLN A 99 -2.36 -24.43 23.09
N LEU A 100 -2.44 -24.53 21.76
CA LEU A 100 -1.62 -23.66 20.91
C LEU A 100 -2.06 -22.20 21.03
N LYS A 101 -3.37 -21.94 21.00
CA LYS A 101 -3.84 -20.57 21.18
C LYS A 101 -3.48 -20.06 22.57
N GLU A 102 -3.60 -20.92 23.58
CA GLU A 102 -3.19 -20.54 24.92
C GLU A 102 -1.69 -20.22 24.93
N PHE A 103 -0.90 -21.06 24.27
CA PHE A 103 0.54 -20.82 24.14
C PHE A 103 0.84 -19.51 23.43
N LEU A 104 0.22 -19.28 22.27
CA LEU A 104 0.50 -18.05 21.53
C LEU A 104 0.00 -16.82 22.26
N ASP A 105 -1.20 -16.86 22.84
CA ASP A 105 -1.72 -15.68 23.51
C ASP A 105 -0.89 -15.32 24.73
N ALA A 106 -0.30 -16.33 25.38
CA ALA A 106 0.59 -16.15 26.53
C ALA A 106 1.97 -15.61 26.14
N ASN A 107 2.36 -15.71 24.87
CA ASN A 107 3.70 -15.40 24.38
C ASN A 107 3.80 -14.24 23.38
N LEU A 108 2.70 -13.67 22.91
CA LEU A 108 2.75 -12.55 21.98
C LEU A 108 2.16 -11.31 22.63
N ALA A 109 2.86 -10.20 22.43
CA ALA A 109 2.46 -8.89 22.93
C ALA A 109 1.75 -8.12 21.82
N ALA A 110 0.53 -8.56 21.55
CA ALA A 110 -0.28 -8.02 20.47
C ALA A 110 -1.33 -7.06 21.03
N ALA A 111 -0.83 -6.00 21.66
CA ALA A 111 -1.67 -4.90 22.11
C ALA A 111 -2.27 -4.19 20.90
N LEU A 112 -3.54 -4.45 20.60
CA LEU A 112 -4.18 -3.77 19.48
C LEU A 112 -4.29 -2.29 19.79
N VAL A 113 -3.65 -1.45 18.98
CA VAL A 113 -3.35 -0.06 19.30
C VAL A 113 -3.59 0.80 18.07
N GLN A 114 -4.00 2.06 18.29
CA GLN A 114 -4.09 3.05 17.23
C GLN A 114 -2.72 3.72 17.08
N GLN A 115 -2.08 3.52 15.93
CA GLN A 115 -0.77 4.06 15.65
C GLN A 115 -0.83 5.13 14.57
N LEU A 116 0.11 6.08 14.65
CA LEU A 116 0.19 7.11 13.62
C LEU A 116 0.68 6.45 12.33
N PRO A 117 0.25 6.96 11.17
CA PRO A 117 0.71 6.35 9.92
C PRO A 117 2.22 6.46 9.74
N LYS A 118 2.78 5.40 9.17
CA LYS A 118 4.20 5.32 8.87
C LYS A 118 4.44 5.49 7.37
N ALA A 119 3.36 5.61 6.58
CA ALA A 119 3.38 5.81 5.14
C ALA A 119 2.11 6.59 4.81
N ILE A 120 2.21 7.62 3.96
CA ILE A 120 1.06 8.42 3.58
C ILE A 120 1.00 8.56 2.07
N ILE A 121 -0.17 8.32 1.49
CA ILE A 121 -0.40 8.49 0.06
C ILE A 121 -0.83 9.95 -0.06
N ILE A 122 0.11 10.82 -0.45
CA ILE A 122 -0.19 12.25 -0.53
C ILE A 122 -0.79 12.75 -1.84
N GLY A 123 -0.86 11.92 -2.86
CA GLY A 123 -1.40 12.37 -4.14
C GLY A 123 -1.10 11.33 -5.20
N VAL A 124 -1.49 11.64 -6.44
CA VAL A 124 -2.15 12.86 -6.81
C VAL A 124 -3.58 12.49 -7.09
N ARG A 125 -4.49 13.42 -6.77
CA ARG A 125 -5.91 13.22 -6.98
C ARG A 125 -6.21 12.73 -8.40
N LYS A 126 -7.01 11.68 -8.51
CA LYS A 126 -7.40 11.04 -9.78
C LYS A 126 -6.32 10.13 -10.37
N GLY A 127 -5.23 9.91 -9.66
CA GLY A 127 -4.19 9.04 -10.14
C GLY A 127 -4.37 7.59 -9.75
N GLY A 128 -5.35 7.27 -8.88
CA GLY A 128 -5.64 5.95 -8.38
C GLY A 128 -5.26 5.83 -6.92
N THR A 129 -5.45 6.92 -6.17
CA THR A 129 -5.09 6.92 -4.76
C THR A 129 -5.92 5.92 -3.97
N ARG A 130 -7.23 5.87 -4.20
CA ARG A 130 -8.07 4.92 -3.49
C ARG A 130 -7.68 3.49 -3.86
N ALA A 131 -7.54 3.23 -5.16
CA ALA A 131 -7.15 1.90 -5.63
C ALA A 131 -5.82 1.46 -5.01
N LEU A 132 -4.83 2.36 -4.99
CA LEU A 132 -3.54 2.00 -4.41
C LEU A 132 -3.71 1.63 -2.95
N LEU A 133 -4.49 2.42 -2.21
CA LEU A 133 -4.70 2.13 -0.79
C LEU A 133 -5.38 0.78 -0.62
N GLU A 134 -6.43 0.52 -1.42
CA GLU A 134 -7.16 -0.74 -1.33
C GLU A 134 -6.25 -1.93 -1.61
N MET A 135 -5.35 -1.80 -2.60
CA MET A 135 -4.45 -2.89 -2.96
C MET A 135 -3.39 -3.11 -1.89
N LEU A 136 -2.86 -2.03 -1.32
CA LEU A 136 -1.86 -2.18 -0.27
C LEU A 136 -2.45 -2.87 0.96
N ASN A 137 -3.77 -2.73 1.19
CA ASN A 137 -4.40 -3.38 2.34
C ASN A 137 -4.43 -4.90 2.22
N LEU A 138 -4.05 -5.44 1.06
CA LEU A 138 -4.01 -6.88 0.89
C LEU A 138 -2.85 -7.49 1.66
N HIS A 139 -1.82 -6.69 1.91
CA HIS A 139 -0.67 -7.17 2.65
C HIS A 139 -1.07 -7.34 4.12
N PRO A 140 -0.84 -8.53 4.73
CA PRO A 140 -1.25 -8.74 6.14
C PRO A 140 -0.75 -7.73 7.15
N ALA A 141 0.36 -7.04 6.88
CA ALA A 141 0.91 -6.09 7.81
C ALA A 141 0.42 -4.67 7.57
N VAL A 142 -0.31 -4.41 6.49
CA VAL A 142 -0.81 -3.08 6.19
C VAL A 142 -2.23 -2.96 6.70
N VAL A 143 -2.52 -1.80 7.29
CA VAL A 143 -3.84 -1.43 7.82
C VAL A 143 -4.11 -0.03 7.26
N LYS A 144 -5.22 0.13 6.57
CA LYS A 144 -5.55 1.41 5.95
C LYS A 144 -6.48 2.26 6.81
N ALA A 145 -6.31 3.57 6.67
CA ALA A 145 -7.30 4.55 7.13
C ALA A 145 -8.32 4.73 6.02
N SER A 146 -9.51 4.15 6.20
CA SER A 146 -10.45 3.98 5.10
C SER A 146 -11.11 5.29 4.65
N GLN A 147 -11.03 6.36 5.43
CA GLN A 147 -11.55 7.66 5.05
C GLN A 147 -10.39 8.66 4.97
N GLU A 148 -10.56 9.67 4.11
CA GLU A 148 -9.60 10.77 4.10
C GLU A 148 -9.81 11.55 5.40
N ILE A 149 -8.72 11.80 6.15
CA ILE A 149 -8.92 12.51 7.40
C ILE A 149 -8.76 14.03 7.27
N HIS A 150 -8.01 14.50 6.28
CA HIS A 150 -7.77 15.92 6.03
C HIS A 150 -7.34 16.63 7.32
N PHE A 151 -6.12 16.31 7.75
CA PHE A 151 -5.56 16.85 9.00
C PHE A 151 -4.58 17.99 8.76
N PHE A 152 -3.58 17.76 7.91
CA PHE A 152 -2.55 18.76 7.64
C PHE A 152 -3.03 19.86 6.70
N ASP A 153 -4.08 19.62 5.92
CA ASP A 153 -4.61 20.59 4.97
C ASP A 153 -5.80 21.36 5.51
N ASN A 154 -6.11 21.23 6.81
CA ASN A 154 -7.24 21.90 7.43
C ASN A 154 -6.74 22.52 8.73
N ASP A 155 -6.65 23.85 8.76
CA ASP A 155 -6.19 24.54 9.97
C ASP A 155 -7.03 24.16 11.18
N GLU A 156 -8.36 24.04 10.99
CA GLU A 156 -9.26 23.67 12.08
C GLU A 156 -8.87 22.33 12.68
N ASN A 157 -8.72 21.30 11.84
CA ASN A 157 -8.36 19.97 12.35
C ASN A 157 -6.93 19.92 12.85
N TYR A 158 -6.00 20.61 12.17
CA TYR A 158 -4.61 20.58 12.59
C TYR A 158 -4.40 21.21 13.97
N GLY A 159 -5.32 22.07 14.41
CA GLY A 159 -5.20 22.70 15.71
C GLY A 159 -5.48 21.75 16.86
N LYS A 160 -6.26 20.70 16.60
CA LYS A 160 -6.63 19.71 17.61
C LYS A 160 -5.44 18.89 18.10
N GLY A 161 -4.30 18.98 17.44
CA GLY A 161 -3.08 18.30 17.82
C GLY A 161 -2.92 16.93 17.19
N ILE A 162 -1.66 16.47 17.21
CA ILE A 162 -1.28 15.18 16.66
C ILE A 162 -2.01 14.03 17.33
N GLU A 163 -2.31 14.15 18.62
CA GLU A 163 -3.01 13.07 19.31
C GLU A 163 -4.40 12.88 18.73
N TRP A 164 -5.07 13.97 18.35
CA TRP A 164 -6.40 13.85 17.75
C TRP A 164 -6.29 13.03 16.47
N TYR A 165 -5.23 13.28 15.70
CA TYR A 165 -4.98 12.57 14.46
C TYR A 165 -4.80 11.08 14.73
N ARG A 166 -3.93 10.74 15.70
CA ARG A 166 -3.68 9.33 16.06
C ARG A 166 -4.99 8.61 16.40
N LYS A 167 -5.85 9.24 17.20
CA LYS A 167 -7.10 8.59 17.58
C LYS A 167 -8.14 8.57 16.47
N LYS A 168 -7.80 9.04 15.26
CA LYS A 168 -8.67 8.99 14.10
C LYS A 168 -8.24 7.85 13.17
N MET A 169 -7.13 7.14 13.50
CA MET A 169 -6.54 6.02 12.79
C MET A 169 -7.18 4.72 13.24
N PRO A 170 -7.13 3.68 12.42
CA PRO A 170 -7.73 2.40 12.81
C PRO A 170 -6.85 1.64 13.77
N PHE A 171 -7.45 0.62 14.40
CA PHE A 171 -6.72 -0.20 15.34
C PHE A 171 -5.88 -1.22 14.57
N SER A 172 -4.66 -1.42 15.04
CA SER A 172 -3.70 -2.31 14.41
C SER A 172 -2.80 -2.89 15.48
N TYR A 173 -1.96 -3.92 15.06
CA TYR A 173 -1.07 -4.53 16.03
C TYR A 173 0.26 -3.79 15.96
N PRO A 174 1.06 -3.80 17.06
CA PRO A 174 2.36 -3.11 17.07
C PRO A 174 3.21 -3.27 15.82
N GLN A 175 3.26 -4.49 15.32
CA GLN A 175 4.05 -4.88 14.15
C GLN A 175 3.38 -4.57 12.81
N GLN A 176 2.30 -3.79 12.80
CA GLN A 176 1.59 -3.44 11.58
C GLN A 176 1.91 -1.99 11.21
N ILE A 177 1.78 -1.71 9.91
CA ILE A 177 2.06 -0.40 9.35
C ILE A 177 0.75 0.20 8.86
N THR A 178 0.47 1.43 9.31
CA THR A 178 -0.73 2.18 8.94
C THR A 178 -0.48 3.12 7.76
N ILE A 179 -1.41 3.14 6.79
CA ILE A 179 -1.29 3.97 5.60
C ILE A 179 -2.53 4.87 5.44
N GLU A 180 -2.31 6.19 5.29
CA GLU A 180 -3.39 7.15 5.08
C GLU A 180 -3.37 7.63 3.62
N LYS A 181 -4.53 7.98 3.08
CA LYS A 181 -4.66 8.51 1.72
C LYS A 181 -5.35 9.87 1.78
N SER A 182 -4.67 10.92 1.33
CA SER A 182 -5.22 12.28 1.33
C SER A 182 -4.64 13.03 0.12
N PRO A 183 -5.27 12.89 -1.06
CA PRO A 183 -4.77 13.58 -2.28
C PRO A 183 -4.52 15.07 -2.17
N ALA A 184 -5.32 15.82 -1.41
CA ALA A 184 -5.14 17.26 -1.31
C ALA A 184 -3.80 17.66 -0.70
N TYR A 185 -3.16 16.77 0.06
CA TYR A 185 -1.87 17.11 0.68
C TYR A 185 -0.84 17.52 -0.38
N PHE A 186 -0.87 16.85 -1.55
CA PHE A 186 0.08 17.14 -2.62
C PHE A 186 0.09 18.61 -3.05
N ILE A 187 -1.08 19.24 -3.14
CA ILE A 187 -1.18 20.63 -3.61
C ILE A 187 -1.23 21.69 -2.51
N THR A 188 -1.71 21.35 -1.33
CA THR A 188 -1.80 22.36 -0.27
C THR A 188 -0.39 22.84 0.11
N GLU A 189 -0.15 24.14 -0.06
CA GLU A 189 1.20 24.68 0.00
C GLU A 189 1.83 24.59 1.40
N GLU A 190 1.04 24.40 2.44
CA GLU A 190 1.51 24.50 3.83
C GLU A 190 1.72 23.15 4.51
N VAL A 191 1.62 22.05 3.77
CA VAL A 191 1.54 20.70 4.35
C VAL A 191 2.89 20.03 4.57
N PRO A 192 3.90 20.18 3.70
CA PRO A 192 5.20 19.52 3.95
C PRO A 192 5.82 19.84 5.30
N GLU A 193 5.71 21.08 5.78
CA GLU A 193 6.31 21.42 7.07
C GLU A 193 5.60 20.72 8.21
N ARG A 194 4.27 20.59 8.13
CA ARG A 194 3.53 19.94 9.20
C ARG A 194 3.87 18.46 9.27
N ILE A 195 3.92 17.78 8.12
CA ILE A 195 4.25 16.36 8.14
C ILE A 195 5.71 16.18 8.57
N TYR A 196 6.60 17.05 8.10
CA TYR A 196 8.01 16.95 8.46
C TYR A 196 8.19 17.07 9.97
N LYS A 197 7.50 18.02 10.58
CA LYS A 197 7.58 18.23 12.01
C LYS A 197 7.13 17.00 12.78
N MET A 198 5.95 16.48 12.42
CA MET A 198 5.43 15.28 13.10
C MET A 198 6.38 14.10 13.02
N ASN A 199 6.94 13.85 11.83
CA ASN A 199 7.82 12.70 11.66
C ASN A 199 8.66 12.94 10.40
N SER A 200 9.87 13.42 10.59
CA SER A 200 10.74 13.73 9.47
C SER A 200 11.22 12.51 8.70
N SER A 201 11.04 11.30 9.21
CA SER A 201 11.46 10.08 8.52
C SER A 201 10.30 9.32 7.91
N ILE A 202 9.10 9.92 7.90
CA ILE A 202 7.93 9.27 7.34
C ILE A 202 8.14 8.99 5.86
N LYS A 203 7.51 7.93 5.37
CA LYS A 203 7.57 7.55 3.97
C LYS A 203 6.35 8.12 3.27
N LEU A 204 6.55 8.65 2.06
CA LEU A 204 5.52 9.31 1.27
C LEU A 204 5.32 8.60 -0.06
N LEU A 205 4.05 8.35 -0.41
CA LEU A 205 3.67 7.68 -1.65
C LEU A 205 2.95 8.66 -2.57
N ILE A 206 3.37 8.68 -3.83
CA ILE A 206 2.79 9.54 -4.87
C ILE A 206 2.36 8.64 -6.03
N ILE A 207 1.09 8.73 -6.41
CA ILE A 207 0.52 7.98 -7.52
C ILE A 207 0.16 8.96 -8.63
N VAL A 208 0.66 8.69 -9.84
CA VAL A 208 0.44 9.56 -10.98
C VAL A 208 0.07 8.76 -12.21
N ARG A 209 -0.62 9.43 -13.14
CA ARG A 209 -0.90 8.86 -14.45
C ARG A 209 -0.70 10.02 -15.40
N GLU A 210 -0.75 9.72 -16.72
CA GLU A 210 -0.58 10.69 -17.81
C GLU A 210 -1.15 12.05 -17.41
N PRO A 211 -0.33 13.12 -17.38
CA PRO A 211 -0.87 14.45 -16.98
C PRO A 211 -2.17 14.88 -17.63
N THR A 212 -2.21 14.87 -18.97
CA THR A 212 -3.41 15.30 -19.68
C THR A 212 -4.60 14.42 -19.30
N THR A 213 -4.39 13.09 -19.25
CA THR A 213 -5.47 12.19 -18.88
C THR A 213 -6.00 12.51 -17.49
N ARG A 214 -5.09 12.74 -16.53
CA ARG A 214 -5.51 13.03 -15.16
C ARG A 214 -6.36 14.29 -15.11
N ALA A 215 -6.03 15.30 -15.94
CA ALA A 215 -6.80 16.53 -15.93
C ALA A 215 -8.21 16.27 -16.44
N ILE A 216 -8.35 15.41 -17.45
CA ILE A 216 -9.67 15.10 -17.98
C ILE A 216 -10.45 14.31 -16.95
N SER A 217 -9.78 13.45 -16.20
CA SER A 217 -10.45 12.69 -15.15
C SER A 217 -10.93 13.63 -14.07
N ASP A 218 -10.09 14.62 -13.75
CA ASP A 218 -10.43 15.63 -12.75
C ASP A 218 -11.65 16.40 -13.20
N TYR A 219 -11.61 16.94 -14.43
CA TYR A 219 -12.72 17.69 -14.99
C TYR A 219 -14.02 16.90 -14.95
N THR A 220 -13.95 15.60 -15.31
CA THR A 220 -15.15 14.78 -15.32
C THR A 220 -15.79 14.70 -13.93
N GLN A 221 -14.96 14.60 -12.88
CA GLN A 221 -15.53 14.54 -11.53
C GLN A 221 -16.18 15.86 -11.14
N VAL A 222 -15.54 16.98 -11.45
CA VAL A 222 -16.14 18.28 -11.12
C VAL A 222 -17.42 18.44 -11.92
N LEU A 223 -17.41 18.00 -13.17
CA LEU A 223 -18.60 18.10 -14.02
C LEU A 223 -19.73 17.28 -13.42
N GLU A 224 -19.44 16.03 -13.06
CA GLU A 224 -20.47 15.18 -12.46
C GLU A 224 -21.01 15.80 -11.18
N GLY A 225 -20.14 16.48 -10.42
CA GLY A 225 -20.60 17.11 -9.20
C GLY A 225 -21.56 18.24 -9.46
N LYS A 226 -21.37 18.96 -10.58
CA LYS A 226 -22.24 20.07 -10.92
C LYS A 226 -23.52 19.57 -11.58
N GLU A 227 -23.41 18.55 -12.43
CA GLU A 227 -24.60 17.99 -13.07
C GLU A 227 -25.51 17.34 -12.04
N ARG A 228 -24.91 16.75 -11.00
CA ARG A 228 -25.69 16.13 -9.93
C ARG A 228 -26.59 17.15 -9.27
N LYS A 229 -26.05 18.34 -8.99
CA LYS A 229 -26.77 19.44 -8.37
C LYS A 229 -27.55 20.29 -9.36
N ASN A 230 -27.72 19.82 -10.60
CA ASN A 230 -28.43 20.53 -11.66
C ASN A 230 -27.88 21.95 -11.83
N LYS A 231 -26.60 22.00 -12.22
CA LYS A 231 -25.87 23.24 -12.45
C LYS A 231 -25.25 23.20 -13.83
N THR A 232 -24.64 24.32 -14.21
CA THR A 232 -23.98 24.50 -15.49
C THR A 232 -22.46 24.41 -15.31
N TYR A 233 -21.77 24.14 -16.43
CA TYR A 233 -20.32 24.03 -16.43
C TYR A 233 -19.85 24.19 -17.86
N TYR A 234 -18.57 24.49 -18.02
CA TYR A 234 -18.02 24.73 -19.33
C TYR A 234 -17.36 23.47 -19.88
N LYS A 235 -17.10 23.48 -21.19
CA LYS A 235 -16.42 22.35 -21.79
C LYS A 235 -14.97 22.33 -21.30
N PHE A 236 -14.35 21.15 -21.32
CA PHE A 236 -12.96 21.02 -20.89
C PHE A 236 -12.07 22.00 -21.65
N GLU A 237 -12.24 22.05 -22.97
CA GLU A 237 -11.45 22.92 -23.85
C GLU A 237 -11.51 24.39 -23.43
N LYS A 238 -12.72 24.90 -23.16
CA LYS A 238 -12.88 26.31 -22.78
C LYS A 238 -12.13 26.64 -21.49
N LEU A 239 -11.91 25.65 -20.62
CA LEU A 239 -11.23 25.83 -19.35
C LEU A 239 -9.74 25.59 -19.43
N ALA A 240 -9.31 24.63 -20.26
CA ALA A 240 -7.90 24.28 -20.37
C ALA A 240 -7.13 25.16 -21.36
N ILE A 241 -7.82 25.90 -22.22
CA ILE A 241 -7.18 26.75 -23.23
C ILE A 241 -7.65 28.18 -23.02
N ASP A 242 -6.70 29.10 -22.99
CA ASP A 242 -7.00 30.50 -22.85
C ASP A 242 -7.69 30.97 -24.13
N PRO A 243 -8.90 31.53 -24.08
CA PRO A 243 -9.56 31.97 -25.33
C PRO A 243 -8.76 32.96 -26.17
N ASN A 244 -8.14 33.96 -25.55
CA ASN A 244 -7.38 34.97 -26.27
C ASN A 244 -6.13 34.44 -26.97
N THR A 245 -5.13 34.04 -26.19
CA THR A 245 -3.86 33.55 -26.73
C THR A 245 -3.97 32.21 -27.44
N CYS A 246 -4.97 31.39 -27.13
CA CYS A 246 -5.16 30.06 -27.71
C CYS A 246 -4.08 29.09 -27.22
N GLU A 247 -3.52 29.37 -26.04
CA GLU A 247 -2.50 28.58 -25.37
C GLU A 247 -3.11 27.92 -24.14
N VAL A 248 -2.30 27.07 -23.49
CA VAL A 248 -2.77 26.37 -22.30
C VAL A 248 -2.99 27.39 -21.19
N ASN A 249 -4.13 27.28 -20.51
CA ASN A 249 -4.53 28.16 -19.41
C ASN A 249 -3.89 27.64 -18.14
N THR A 250 -2.76 28.25 -17.75
CA THR A 250 -2.02 27.82 -16.56
C THR A 250 -2.78 28.12 -15.26
N LYS A 251 -3.86 28.90 -15.32
CA LYS A 251 -4.64 29.23 -14.14
C LYS A 251 -5.63 28.12 -13.76
N TYR A 252 -5.93 27.21 -14.68
CA TYR A 252 -6.87 26.13 -14.41
C TYR A 252 -6.25 25.10 -13.48
N LYS A 253 -6.86 24.90 -12.30
CA LYS A 253 -6.36 23.99 -11.28
C LYS A 253 -6.09 22.59 -11.82
N ALA A 254 -6.98 22.08 -12.68
CA ALA A 254 -6.80 20.74 -13.24
C ALA A 254 -5.46 20.62 -13.96
N VAL A 255 -5.02 21.71 -14.58
CA VAL A 255 -3.74 21.72 -15.28
C VAL A 255 -2.62 21.88 -14.26
N ARG A 256 -2.76 22.82 -13.32
CA ARG A 256 -1.72 23.02 -12.31
C ARG A 256 -1.45 21.76 -11.51
N THR A 257 -2.52 21.06 -11.15
CA THR A 257 -2.37 19.84 -10.37
C THR A 257 -1.60 18.78 -11.14
N SER A 258 -1.71 18.78 -12.46
CA SER A 258 -1.01 17.82 -13.30
C SER A 258 0.47 18.17 -13.51
N ILE A 259 0.92 19.34 -13.04
CA ILE A 259 2.34 19.69 -13.16
C ILE A 259 2.99 19.12 -11.92
N TYR A 260 3.08 17.78 -11.89
CA TYR A 260 3.61 17.03 -10.75
C TYR A 260 4.94 17.57 -10.22
N THR A 261 5.86 17.92 -11.13
CA THR A 261 7.17 18.42 -10.72
C THR A 261 7.08 19.68 -9.87
N LYS A 262 6.21 20.63 -10.23
CA LYS A 262 6.08 21.87 -9.48
C LYS A 262 5.78 21.61 -8.01
N HIS A 263 4.89 20.68 -7.74
CA HIS A 263 4.54 20.35 -6.37
C HIS A 263 5.66 19.60 -5.67
N LEU A 264 6.26 18.61 -6.36
CA LEU A 264 7.36 17.83 -5.78
C LEU A 264 8.48 18.71 -5.26
N GLU A 265 8.84 19.78 -5.99
CA GLU A 265 9.90 20.69 -5.54
C GLU A 265 9.62 21.20 -4.13
N ARG A 266 8.36 21.57 -3.85
CA ARG A 266 8.03 22.08 -2.53
C ARG A 266 8.29 21.02 -1.47
N TRP A 267 7.84 19.79 -1.72
CA TRP A 267 8.04 18.71 -0.77
C TRP A 267 9.50 18.37 -0.59
N LEU A 268 10.31 18.53 -1.64
CA LEU A 268 11.72 18.22 -1.55
C LEU A 268 12.49 19.20 -0.67
N LYS A 269 11.88 20.35 -0.35
CA LYS A 269 12.54 21.31 0.54
C LYS A 269 12.63 20.79 1.96
N TYR A 270 11.81 19.80 2.31
CA TYR A 270 11.77 19.19 3.63
C TYR A 270 12.13 17.72 3.65
N PHE A 271 11.82 16.95 2.60
CA PHE A 271 12.14 15.52 2.61
C PHE A 271 13.07 15.12 1.47
N PRO A 272 14.04 14.22 1.70
CA PRO A 272 14.88 13.76 0.60
C PRO A 272 14.07 12.88 -0.35
N ILE A 273 14.48 12.85 -1.61
CA ILE A 273 13.77 12.04 -2.61
C ILE A 273 13.74 10.58 -2.20
N GLU A 274 14.75 10.12 -1.45
CA GLU A 274 14.83 8.73 -1.00
C GLU A 274 13.61 8.32 -0.18
N GLN A 275 12.93 9.27 0.47
CA GLN A 275 11.77 8.98 1.29
C GLN A 275 10.47 8.96 0.49
N PHE A 276 10.55 9.19 -0.82
CA PHE A 276 9.41 9.17 -1.73
C PHE A 276 9.48 7.94 -2.61
N HIS A 277 8.31 7.48 -3.03
CA HIS A 277 8.24 6.39 -4.00
C HIS A 277 7.11 6.80 -4.93
N VAL A 278 7.38 6.83 -6.23
CA VAL A 278 6.40 7.22 -7.22
C VAL A 278 5.81 5.95 -7.81
N VAL A 279 4.49 5.81 -7.72
CA VAL A 279 3.78 4.66 -8.27
C VAL A 279 3.23 5.08 -9.62
N ASP A 280 3.44 4.26 -10.64
CA ASP A 280 2.96 4.50 -12.00
C ASP A 280 1.48 4.11 -12.06
N GLY A 281 0.60 5.12 -12.06
CA GLY A 281 -0.83 4.85 -12.10
C GLY A 281 -1.30 4.24 -13.40
N ASP A 282 -0.58 4.50 -14.50
CA ASP A 282 -0.98 3.89 -15.76
C ASP A 282 -0.70 2.39 -15.72
N ARG A 283 0.43 2.00 -15.14
CA ARG A 283 0.75 0.58 -15.03
C ARG A 283 -0.10 -0.06 -13.95
N LEU A 284 -0.54 0.70 -12.94
CA LEU A 284 -1.37 0.14 -11.89
C LEU A 284 -2.70 -0.34 -12.46
N ILE A 285 -3.13 0.26 -13.57
CA ILE A 285 -4.38 -0.11 -14.22
C ILE A 285 -4.19 -1.35 -15.11
N THR A 286 -3.10 -1.41 -15.88
CA THR A 286 -2.87 -2.52 -16.80
C THR A 286 -2.22 -3.75 -16.15
N GLU A 287 -1.21 -3.54 -15.31
CA GLU A 287 -0.50 -4.64 -14.65
C GLU A 287 -0.10 -4.16 -13.26
N PRO A 288 -1.00 -4.27 -12.28
CA PRO A 288 -0.69 -3.77 -10.91
C PRO A 288 0.49 -4.38 -10.18
N LEU A 289 0.51 -5.73 -10.05
CA LEU A 289 1.49 -6.47 -9.25
C LEU A 289 2.91 -5.91 -9.32
N PRO A 290 3.54 -5.71 -10.48
CA PRO A 290 4.92 -5.16 -10.44
C PRO A 290 5.02 -3.84 -9.68
N GLU A 291 4.06 -2.94 -9.87
CA GLU A 291 4.10 -1.67 -9.14
C GLU A 291 3.89 -1.89 -7.65
N LEU A 292 2.97 -2.79 -7.29
CA LEU A 292 2.70 -3.07 -5.88
C LEU A 292 3.88 -3.77 -5.22
N GLN A 293 4.62 -4.58 -5.98
CA GLN A 293 5.77 -5.27 -5.40
C GLN A 293 6.86 -4.26 -5.07
N LEU A 294 6.96 -3.17 -5.85
CA LEU A 294 7.95 -2.14 -5.55
C LEU A 294 7.58 -1.42 -4.26
N VAL A 295 6.28 -1.15 -4.07
CA VAL A 295 5.83 -0.49 -2.86
C VAL A 295 6.12 -1.35 -1.64
N GLU A 296 6.01 -2.68 -1.80
CA GLU A 296 6.30 -3.58 -0.68
C GLU A 296 7.75 -3.42 -0.23
N LYS A 297 8.66 -3.36 -1.19
CA LYS A 297 10.06 -3.21 -0.83
C LYS A 297 10.31 -1.82 -0.27
N PHE A 298 9.64 -0.81 -0.81
CA PHE A 298 9.79 0.54 -0.30
C PHE A 298 9.41 0.62 1.18
N LEU A 299 8.38 -0.12 1.57
CA LEU A 299 7.90 -0.16 2.96
C LEU A 299 8.60 -1.21 3.81
N ASN A 300 9.65 -1.87 3.31
CA ASN A 300 10.39 -2.88 4.07
C ASN A 300 9.47 -4.02 4.51
N LEU A 301 8.50 -4.37 3.65
CA LEU A 301 7.54 -5.43 3.90
C LEU A 301 7.89 -6.66 3.07
N PRO A 302 7.72 -7.88 3.61
CA PRO A 302 8.06 -9.07 2.84
C PRO A 302 7.09 -9.29 1.70
N PRO A 303 7.53 -9.94 0.60
CA PRO A 303 6.62 -10.18 -0.53
C PRO A 303 5.46 -11.09 -0.16
N ARG A 304 4.25 -10.54 -0.09
N ARG A 304 4.25 -10.55 -0.12
CA ARG A 304 3.06 -11.28 0.29
CA ARG A 304 3.07 -11.32 0.28
C ARG A 304 1.87 -11.06 -0.64
C ARG A 304 1.85 -11.04 -0.59
N ILE A 305 1.84 -9.97 -1.40
CA ILE A 305 0.78 -9.78 -2.40
C ILE A 305 1.16 -10.61 -3.62
N SER A 306 0.23 -11.44 -4.07
CA SER A 306 0.44 -12.33 -5.21
C SER A 306 -0.58 -12.09 -6.31
N GLN A 307 -0.32 -12.75 -7.45
CA GLN A 307 -1.19 -12.63 -8.61
C GLN A 307 -2.59 -13.17 -8.31
N TYR A 308 -2.70 -14.07 -7.34
CA TYR A 308 -4.00 -14.61 -6.95
C TYR A 308 -4.89 -13.53 -6.36
N ASN A 309 -4.30 -12.52 -5.73
CA ASN A 309 -5.07 -11.45 -5.10
C ASN A 309 -5.73 -10.50 -6.10
N LEU A 310 -5.25 -10.44 -7.34
CA LEU A 310 -5.78 -9.54 -8.36
C LEU A 310 -6.28 -10.35 -9.55
N TYR A 311 -7.48 -10.00 -10.02
CA TYR A 311 -8.12 -10.66 -11.15
C TYR A 311 -8.78 -9.62 -12.03
N PHE A 312 -8.69 -9.82 -13.34
CA PHE A 312 -9.25 -8.88 -14.31
C PHE A 312 -10.75 -9.10 -14.48
N ASN A 313 -11.50 -8.02 -14.31
CA ASN A 313 -12.95 -8.02 -14.46
C ASN A 313 -13.24 -7.37 -15.80
N ALA A 314 -13.46 -8.19 -16.83
CA ALA A 314 -13.74 -7.66 -18.15
C ALA A 314 -14.97 -6.78 -18.14
N THR A 315 -15.94 -7.09 -17.28
CA THR A 315 -17.16 -6.30 -17.17
C THR A 315 -16.88 -4.87 -16.72
N ARG A 316 -16.30 -4.71 -15.53
CA ARG A 316 -15.99 -3.37 -15.02
C ARG A 316 -14.90 -2.68 -15.83
N GLY A 317 -14.01 -3.44 -16.46
CA GLY A 317 -12.93 -2.91 -17.24
C GLY A 317 -11.65 -2.62 -16.47
N PHE A 318 -11.63 -2.91 -15.18
CA PHE A 318 -10.49 -2.71 -14.30
C PHE A 318 -10.26 -3.97 -13.49
N TYR A 319 -9.19 -3.96 -12.70
CA TYR A 319 -8.85 -5.07 -11.83
C TYR A 319 -9.62 -4.94 -10.52
N CYS A 320 -9.98 -6.08 -9.93
CA CYS A 320 -10.67 -6.11 -8.65
C CYS A 320 -9.84 -6.94 -7.68
N LEU A 321 -10.09 -6.74 -6.40
CA LEU A 321 -9.34 -7.42 -5.36
C LEU A 321 -9.97 -8.73 -4.91
N ARG A 322 -9.12 -9.73 -4.70
CA ARG A 322 -9.49 -11.06 -4.23
C ARG A 322 -8.72 -11.32 -2.94
N PHE A 323 -9.41 -11.34 -1.79
CA PHE A 323 -8.73 -11.54 -0.52
C PHE A 323 -8.61 -13.02 -0.21
N ASN A 324 -9.70 -13.62 0.28
CA ASN A 324 -9.76 -15.04 0.58
C ASN A 324 -10.58 -15.74 -0.50
N GLU A 325 -11.18 -16.89 -0.19
CA GLU A 325 -11.95 -17.63 -1.18
C GLU A 325 -13.39 -17.14 -1.33
N ILE A 326 -13.85 -16.25 -0.45
CA ILE A 326 -15.23 -15.78 -0.46
C ILE A 326 -15.33 -14.33 0.01
N PHE A 327 -14.31 -13.52 -0.33
CA PHE A 327 -14.32 -12.08 -0.04
C PHE A 327 -13.70 -11.36 -1.23
N ASN A 328 -14.55 -10.87 -2.13
CA ASN A 328 -14.14 -10.11 -3.30
C ASN A 328 -14.57 -8.65 -3.13
N LYS A 329 -13.79 -7.73 -3.69
CA LYS A 329 -14.13 -6.33 -3.58
C LYS A 329 -13.62 -5.54 -4.78
N CYS A 330 -14.53 -4.88 -5.47
CA CYS A 330 -14.28 -4.01 -6.61
C CYS A 330 -14.42 -2.57 -6.12
N LEU A 331 -13.92 -1.62 -6.89
CA LEU A 331 -13.99 -0.23 -6.47
C LEU A 331 -15.29 0.40 -6.95
N ALA A 332 -15.78 1.37 -6.17
CA ALA A 332 -17.02 2.11 -6.40
C ALA A 332 -17.24 2.60 -7.82
N GLY A 333 -18.45 3.11 -8.09
CA GLY A 333 -18.81 3.57 -9.42
C GLY A 333 -18.14 4.88 -9.83
N SER A 334 -17.73 5.70 -8.86
CA SER A 334 -16.98 6.90 -9.16
C SER A 334 -15.55 6.62 -9.62
N LYS A 335 -15.12 5.36 -9.61
CA LYS A 335 -13.82 4.95 -10.12
C LYS A 335 -14.03 4.27 -11.48
N GLY A 336 -13.66 4.98 -12.54
CA GLY A 336 -13.83 4.50 -13.89
C GLY A 336 -14.92 5.24 -14.64
N ARG A 337 -14.78 6.56 -14.74
CA ARG A 337 -15.78 7.40 -15.39
C ARG A 337 -15.61 7.45 -16.89
N ILE A 338 -16.74 7.52 -17.58
CA ILE A 338 -16.75 7.62 -19.03
C ILE A 338 -16.22 9.01 -19.35
N HIS A 339 -14.99 9.11 -19.86
CA HIS A 339 -14.43 10.43 -20.14
C HIS A 339 -15.06 11.05 -21.39
N PRO A 340 -15.08 12.38 -21.46
CA PRO A 340 -15.64 13.05 -22.63
C PRO A 340 -14.61 13.14 -23.73
N GLU A 341 -15.07 13.13 -24.98
CA GLU A 341 -14.13 13.25 -26.07
C GLU A 341 -13.68 14.70 -26.19
N VAL A 342 -12.37 14.91 -26.17
CA VAL A 342 -11.74 16.20 -26.25
C VAL A 342 -11.10 16.32 -27.63
N ASP A 343 -11.19 17.50 -28.22
CA ASP A 343 -10.61 17.78 -29.53
C ASP A 343 -9.15 17.33 -29.60
N PRO A 344 -8.80 16.37 -30.50
CA PRO A 344 -7.39 15.92 -30.60
C PRO A 344 -6.37 17.04 -30.68
N SER A 345 -6.77 18.21 -31.19
CA SER A 345 -5.85 19.34 -31.30
C SER A 345 -5.52 19.88 -29.92
N VAL A 346 -6.51 19.98 -29.04
CA VAL A 346 -6.27 20.47 -27.69
C VAL A 346 -5.40 19.48 -26.92
N ILE A 347 -5.70 18.18 -27.04
CA ILE A 347 -4.91 17.16 -26.37
C ILE A 347 -3.45 17.26 -26.78
N THR A 348 -3.20 17.54 -28.05
CA THR A 348 -1.82 17.65 -28.53
C THR A 348 -1.12 18.85 -27.89
N LYS A 349 -1.83 19.97 -27.77
CA LYS A 349 -1.22 21.14 -27.15
C LYS A 349 -0.90 20.85 -25.68
N LEU A 350 -1.84 20.23 -24.96
CA LEU A 350 -1.59 19.90 -23.55
C LEU A 350 -0.40 18.95 -23.40
N ARG A 351 -0.33 17.92 -24.24
CA ARG A 351 0.79 16.97 -24.18
C ARG A 351 2.14 17.69 -24.35
N LYS A 352 2.23 18.58 -25.33
CA LYS A 352 3.47 19.31 -25.56
C LYS A 352 3.80 20.20 -24.37
N PHE A 353 2.78 20.84 -23.79
CA PHE A 353 2.97 21.70 -22.63
C PHE A 353 3.60 20.94 -21.46
N PHE A 354 3.03 19.77 -21.12
CA PHE A 354 3.55 18.99 -20.01
C PHE A 354 4.91 18.37 -20.26
N HIS A 355 5.23 17.99 -21.53
CA HIS A 355 6.49 17.34 -21.91
C HIS A 355 7.72 17.79 -21.12
N PRO A 356 8.06 19.09 -21.09
CA PRO A 356 9.25 19.49 -20.33
C PRO A 356 9.09 19.27 -18.84
N PHE A 357 7.86 19.40 -18.32
CA PHE A 357 7.66 19.14 -16.90
C PHE A 357 7.77 17.66 -16.62
N ASN A 358 7.31 16.83 -17.57
CA ASN A 358 7.41 15.39 -17.42
C ASN A 358 8.86 14.93 -17.40
N GLN A 359 9.68 15.48 -18.31
CA GLN A 359 11.09 15.08 -18.36
C GLN A 359 11.81 15.45 -17.08
N LYS A 360 11.46 16.60 -16.49
CA LYS A 360 12.09 16.99 -15.23
C LYS A 360 11.67 16.03 -14.13
N PHE A 361 10.38 15.64 -14.14
CA PHE A 361 9.86 14.71 -13.15
C PHE A 361 10.64 13.41 -13.19
N TYR A 362 10.83 12.86 -14.39
CA TYR A 362 11.58 11.61 -14.51
C TYR A 362 12.98 11.76 -13.95
N GLN A 363 13.63 12.89 -14.27
CA GLN A 363 14.99 13.11 -13.81
C GLN A 363 15.06 13.21 -12.28
N ILE A 364 14.14 13.96 -11.66
CA ILE A 364 14.18 14.12 -10.20
C ILE A 364 13.78 12.84 -9.48
N THR A 365 12.74 12.16 -9.95
CA THR A 365 12.29 10.95 -9.25
C THR A 365 13.08 9.71 -9.64
N GLY A 366 13.66 9.69 -10.82
CA GLY A 366 14.40 8.53 -11.27
C GLY A 366 13.57 7.51 -12.01
N ARG A 367 12.24 7.70 -12.09
CA ARG A 367 11.35 6.79 -12.79
C ARG A 367 10.87 7.45 -14.07
N THR A 368 11.17 6.80 -15.20
CA THR A 368 10.73 7.27 -16.49
C THR A 368 9.39 6.57 -16.74
N LEU A 369 8.34 7.35 -16.94
CA LEU A 369 7.00 6.83 -17.12
C LEU A 369 6.54 6.82 -18.57
N ASN A 370 7.36 7.32 -19.49
CA ASN A 370 7.08 7.27 -20.93
C ASN A 370 5.73 7.89 -21.30
N TRP A 371 5.56 9.15 -20.91
CA TRP A 371 4.32 9.86 -21.23
C TRP A 371 4.47 10.58 -22.57
N PRO A 372 3.39 10.66 -23.39
CA PRO A 372 3.52 11.36 -24.66
C PRO A 372 3.80 12.85 -24.49
C1 BDP B . -16.28 28.42 -4.81
C2 BDP B . -17.64 28.23 -4.17
C3 BDP B . -17.85 26.74 -4.01
C4 BDP B . -17.63 25.96 -5.30
C5 BDP B . -16.37 26.41 -6.08
C6 BDP B . -16.38 26.09 -7.55
O2 BDP B . -17.70 28.89 -2.91
O3 BDP B . -19.18 26.50 -3.51
O4 BDP B . -17.54 24.55 -4.98
O5 BDP B . -16.31 27.84 -6.11
O6A BDP B . -15.45 25.40 -8.01
O1 BDP B . -15.95 29.80 -4.90
O6B BDP B . -17.31 26.52 -8.27
C1 SGN B . -17.31 23.55 -6.00
C2 SGN B . -17.87 22.20 -5.56
C3 SGN B . -17.15 21.70 -4.32
C4 SGN B . -15.65 21.68 -4.57
C5 SGN B . -15.19 23.06 -5.03
C6 SGN B . -13.69 23.14 -5.31
N2 SGN B . -19.30 22.30 -5.35
O3 SGN B . -17.62 20.38 -3.98
O4 SGN B . -14.99 21.29 -3.36
O5 SGN B . -15.90 23.41 -6.22
O6 SGN B . -13.29 22.13 -6.23
S1 SGN B . -20.32 22.09 -6.56
O1S SGN B . -19.95 20.93 -7.32
O2S SGN B . -21.65 21.92 -6.05
O3S SGN B . -20.28 23.24 -7.42
S2 SGN B . -11.82 22.09 -6.66
O4S SGN B . -11.59 20.89 -7.44
O5S SGN B . -10.98 22.08 -5.51
O6S SGN B . -11.53 23.24 -7.46
C1 BDP B . -14.04 20.23 -3.59
C2 BDP B . -13.41 19.87 -2.24
C3 BDP B . -12.41 18.73 -2.41
C4 BDP B . -13.07 17.54 -3.12
C5 BDP B . -13.69 18.03 -4.42
C6 BDP B . -14.36 16.92 -5.17
O2 BDP B . -12.75 21.02 -1.71
O3 BDP B . -11.93 18.39 -1.10
O4 BDP B . -12.08 16.53 -3.40
O5 BDP B . -14.65 19.05 -4.14
O6A BDP B . -13.66 15.98 -5.60
O6B BDP B . -15.60 16.98 -5.34
C1 SGN B . -11.75 15.64 -2.30
C2 SGN B . -10.89 14.49 -2.84
C3 SGN B . -11.70 13.54 -3.72
C4 SGN B . -12.98 13.07 -3.01
C5 SGN B . -13.75 14.28 -2.51
C6 SGN B . -14.98 13.93 -1.68
N2 SGN B . -9.77 15.00 -3.61
O3 SGN B . -10.89 12.41 -4.05
O4 SGN B . -13.76 12.31 -3.95
O5 SGN B . -12.90 15.06 -1.66
O6 SGN B . -14.60 13.08 -0.60
S1 SGN B . -8.76 16.09 -2.99
O1S SGN B . -7.58 16.18 -3.82
O2S SGN B . -8.39 15.68 -1.67
O3S SGN B . -9.39 17.37 -2.94
S2 SGN B . -15.65 12.58 0.40
O4S SGN B . -15.00 12.26 1.64
O5S SGN B . -16.30 11.42 -0.12
O6S SGN B . -16.62 13.61 0.63
C1 BDP B . -14.30 11.09 -3.37
C2 BDP B . -15.17 10.42 -4.42
C3 BDP B . -15.84 9.21 -3.77
C4 BDP B . -14.86 8.31 -3.01
C5 BDP B . -13.82 9.10 -2.18
C6 BDP B . -12.68 8.23 -1.75
O2 BDP B . -16.16 11.33 -4.91
O3 BDP B . -16.50 8.46 -4.81
O4 BDP B . -15.59 7.43 -2.14
O5 BDP B . -13.29 10.18 -2.96
O6A BDP B . -12.39 8.20 -0.54
O6B BDP B . -12.08 7.55 -2.61
C1 SGN B . -16.03 6.20 -2.77
C2 SGN B . -17.50 5.92 -2.41
C3 SGN B . -17.67 5.64 -0.94
C4 SGN B . -16.78 4.48 -0.52
C5 SGN B . -15.34 4.71 -0.96
C6 SGN B . -14.49 3.46 -0.76
N2 SGN B . -18.34 7.02 -2.83
O3 SGN B . -19.04 5.33 -0.66
O4 SGN B . -16.84 4.32 0.90
O5 SGN B . -15.26 5.06 -2.35
O6 SGN B . -14.90 2.47 -1.71
S1 SGN B . -19.58 6.77 -3.81
O1S SGN B . -19.14 6.05 -4.96
O2S SGN B . -20.58 6.00 -3.12
O3S SGN B . -20.15 8.02 -4.22
S2 SGN B . -13.90 1.46 -2.27
O4S SGN B . -14.61 0.31 -2.76
O5S SGN B . -13.01 1.06 -1.23
O6S SGN B . -13.17 2.05 -3.36
P1 A3P C . -11.27 7.53 -13.84
O1P A3P C . -11.06 6.29 -14.66
O2P A3P C . -10.91 8.77 -14.62
O3P A3P C . -12.61 7.61 -13.15
P2 A3P C . -8.52 8.61 -7.36
O4P A3P C . -9.09 7.55 -6.46
O5P A3P C . -7.19 9.15 -6.86
O6P A3P C . -9.51 9.72 -7.63
O5' A3P C . -8.22 7.87 -8.78
C5' A3P C . -9.29 7.51 -9.66
C4' A3P C . -8.79 6.76 -10.86
O4' A3P C . -8.06 5.55 -10.52
C3' A3P C . -9.87 6.31 -11.82
O3' A3P C . -10.19 7.44 -12.63
C2' A3P C . -9.21 5.13 -12.57
O2' A3P C . -8.58 5.49 -13.80
C1' A3P C . -8.16 4.59 -11.57
N9 A3P C . -8.13 3.15 -11.18
C8 A3P C . -6.98 2.43 -10.98
N7 A3P C . -7.20 1.20 -10.67
C5 A3P C . -8.57 1.07 -10.68
C6 A3P C . -9.37 -0.06 -10.41
N6 A3P C . -8.85 -1.26 -10.10
N1 A3P C . -10.71 0.09 -10.49
C2 A3P C . -11.21 1.31 -10.82
N3 A3P C . -10.53 2.45 -11.09
C4 A3P C . -9.20 2.28 -11.00
#